data_8YLI
#
_entry.id   8YLI
#
_cell.length_a   71.170
_cell.length_b   80.504
_cell.length_c   75.233
_cell.angle_alpha   90.000
_cell.angle_beta   93.482
_cell.angle_gamma   90.000
#
_symmetry.space_group_name_H-M   'P 1 21 1'
#
loop_
_entity.id
_entity.type
_entity.pdbx_description
1 polymer 'Regulatory protein'
2 polymer 'DNA (28-MER)'
3 polymer 'DNA (28-MER)'
#
loop_
_entity_poly.entity_id
_entity_poly.type
_entity_poly.pdbx_seq_one_letter_code
_entity_poly.pdbx_strand_id
1 'polypeptide(L)'
;SAKDLDAVDAILEQWRRERPDLDASPMGPIGRLRRCAVLMDQRLESCFSRFDLSSWEFDMLATLRRAGAPHCLSPTELFS
TLMVTSGTMTHRLKRLETRGFIERVQNELDARSTLVQLTSSGLELINRAVEAHIENERQVLSVLPAEVLAALDTNLAALL
RGLESHNKGN
;
A,B
2 'polydeoxyribonucleotide'
;(DT)(DC)(DA)(DT)(DT)(DT)(DA)(DT)(DC)(DT)(DT)(DG)(DA)(DC)(DT)(DT)(DC)(DA)(DA)(DG)
(DG)(DT)(DA)(DA)(DT)(DT)(DA)(DA)
;
C
3 'polydeoxyribonucleotide'
;(DT)(DT)(DA)(DA)(DT)(DT)(DA)(DC)(DC)(DT)(DT)(DG)(DA)(DA)(DG)(DT)(DC)(DA)(DA)(DG)
(DA)(DT)(DA)(DA)(DA)(DT)(DG)(DA)
;
D
#
# COMPACT_ATOMS: atom_id res chain seq x y z
N ASP A 6 8.06 7.12 -16.66
CA ASP A 6 7.40 6.25 -15.68
C ASP A 6 5.97 5.91 -16.13
N ALA A 7 5.39 4.87 -15.53
CA ALA A 7 4.00 4.55 -15.84
C ALA A 7 3.08 5.66 -15.38
N VAL A 8 3.48 6.38 -14.32
CA VAL A 8 2.71 7.50 -13.84
C VAL A 8 2.67 8.60 -14.88
N ASP A 9 3.82 8.84 -15.54
CA ASP A 9 3.86 9.81 -16.63
C ASP A 9 2.79 9.58 -17.67
N ALA A 10 2.46 8.30 -17.93
CA ALA A 10 1.41 7.99 -18.90
C ALA A 10 0.05 8.52 -18.45
N ILE A 11 -0.36 8.17 -17.22
CA ILE A 11 -1.66 8.59 -16.70
C ILE A 11 -1.78 10.10 -16.70
N LEU A 12 -0.69 10.80 -16.40
CA LEU A 12 -0.72 12.26 -16.44
C LEU A 12 -0.99 12.78 -17.85
N GLU A 13 -0.34 12.19 -18.86
CA GLU A 13 -0.59 12.59 -20.24
C GLU A 13 -2.05 12.36 -20.61
N GLN A 14 -2.63 11.25 -20.16
CA GLN A 14 -4.04 10.99 -20.43
C GLN A 14 -4.92 12.10 -19.85
N TRP A 15 -4.77 12.40 -18.56
CA TRP A 15 -5.62 13.42 -17.95
C TRP A 15 -5.41 14.79 -18.60
N ARG A 16 -4.17 15.09 -19.00
CA ARG A 16 -3.94 16.36 -19.67
C ARG A 16 -4.73 16.45 -20.97
N ARG A 17 -5.04 15.32 -21.60
CA ARG A 17 -5.84 15.35 -22.81
C ARG A 17 -7.33 15.33 -22.53
N GLU A 18 -7.75 14.56 -21.54
CA GLU A 18 -9.17 14.36 -21.31
C GLU A 18 -9.80 15.49 -20.49
N ARG A 19 -9.04 16.14 -19.62
CA ARG A 19 -9.56 17.19 -18.76
C ARG A 19 -8.50 18.28 -18.63
N PRO A 20 -8.20 18.99 -19.71
CA PRO A 20 -7.18 20.04 -19.64
C PRO A 20 -7.58 21.19 -18.72
N ASP A 21 -8.85 21.25 -18.30
CA ASP A 21 -9.31 22.27 -17.37
C ASP A 21 -8.80 22.06 -15.95
N LEU A 22 -8.20 20.89 -15.68
CA LEU A 22 -7.67 20.55 -14.37
C LEU A 22 -6.15 20.43 -14.46
N ASP A 23 -5.48 20.67 -13.33
CA ASP A 23 -4.05 20.43 -13.19
C ASP A 23 -3.89 19.22 -12.29
N ALA A 24 -3.40 18.11 -12.86
CA ALA A 24 -3.32 16.85 -12.14
C ALA A 24 -1.94 16.60 -11.51
N SER A 25 -1.12 17.65 -11.38
CA SER A 25 0.21 17.51 -10.75
C SER A 25 0.23 16.66 -9.49
N PRO A 26 -0.69 16.82 -8.53
CA PRO A 26 -0.65 15.96 -7.32
C PRO A 26 -0.66 14.47 -7.61
N MET A 27 -1.39 14.03 -8.64
CA MET A 27 -1.41 12.61 -8.95
C MET A 27 -0.03 12.06 -9.25
N GLY A 28 0.90 12.91 -9.68
CA GLY A 28 2.27 12.50 -9.96
C GLY A 28 2.96 11.89 -8.76
N PRO A 29 3.36 12.74 -7.80
CA PRO A 29 4.01 12.22 -6.59
C PRO A 29 3.22 11.11 -5.92
N ILE A 30 1.93 11.32 -5.68
CA ILE A 30 1.15 10.33 -4.94
C ILE A 30 1.02 9.04 -5.74
N GLY A 31 0.87 9.16 -7.06
CA GLY A 31 0.76 7.96 -7.86
C GLY A 31 2.00 7.09 -7.78
N ARG A 32 3.17 7.70 -7.91
CA ARG A 32 4.42 6.96 -7.79
C ARG A 32 4.53 6.30 -6.41
N LEU A 33 4.18 7.04 -5.35
CA LEU A 33 4.22 6.47 -4.01
C LEU A 33 3.38 5.20 -3.95
N ARG A 34 2.12 5.29 -4.37
CA ARG A 34 1.22 4.14 -4.27
C ARG A 34 1.77 2.96 -5.07
N ARG A 35 2.23 3.19 -6.30
CA ARG A 35 2.76 2.09 -7.11
C ARG A 35 3.99 1.48 -6.46
N CYS A 36 4.96 2.32 -6.07
CA CYS A 36 6.18 1.83 -5.42
C CYS A 36 5.85 0.90 -4.25
N ALA A 37 4.94 1.33 -3.36
CA ALA A 37 4.53 0.46 -2.27
C ALA A 37 4.03 -0.88 -2.80
N VAL A 38 3.21 -0.85 -3.86
CA VAL A 38 2.69 -2.10 -4.42
C VAL A 38 3.82 -3.00 -4.93
N LEU A 39 4.73 -2.42 -5.72
CA LEU A 39 5.88 -3.18 -6.21
C LEU A 39 6.76 -3.65 -5.06
N MET A 40 7.05 -2.74 -4.12
CA MET A 40 7.91 -3.09 -2.99
C MET A 40 7.38 -4.29 -2.22
N ASP A 41 6.06 -4.31 -1.97
CA ASP A 41 5.45 -5.46 -1.30
C ASP A 41 5.71 -6.75 -2.06
N GLN A 42 5.57 -6.71 -3.39
CA GLN A 42 5.83 -7.89 -4.19
C GLN A 42 7.24 -8.42 -3.94
N ARG A 43 8.24 -7.54 -4.02
CA ARG A 43 9.61 -7.97 -3.76
C ARG A 43 9.71 -8.62 -2.37
N LEU A 44 9.22 -7.94 -1.34
CA LEU A 44 9.34 -8.47 0.02
C LEU A 44 8.64 -9.81 0.16
N GLU A 45 7.49 -9.98 -0.49
CA GLU A 45 6.72 -11.20 -0.30
C GLU A 45 7.43 -12.41 -0.88
N SER A 46 8.21 -12.22 -1.95
CA SER A 46 9.03 -13.30 -2.48
C SER A 46 9.85 -13.94 -1.37
N CYS A 47 10.64 -13.13 -0.68
CA CYS A 47 11.50 -13.66 0.38
C CYS A 47 10.70 -14.29 1.52
N PHE A 48 9.61 -13.64 1.95
CA PHE A 48 8.79 -14.20 3.03
C PHE A 48 8.31 -15.60 2.67
N SER A 49 7.98 -15.83 1.39
CA SER A 49 7.51 -17.14 0.95
C SER A 49 8.57 -18.21 1.18
N ARG A 50 9.85 -17.84 1.13
CA ARG A 50 10.91 -18.83 1.39
C ARG A 50 10.84 -19.38 2.80
N PHE A 51 10.20 -18.66 3.74
CA PHE A 51 10.02 -19.15 5.09
C PHE A 51 8.61 -19.67 5.34
N ASP A 52 7.83 -19.91 4.28
CA ASP A 52 6.44 -20.32 4.39
C ASP A 52 5.61 -19.31 5.16
N LEU A 53 5.82 -18.01 4.88
CA LEU A 53 5.17 -16.94 5.61
C LEU A 53 4.58 -15.89 4.67
N SER A 54 3.42 -15.38 5.04
CA SER A 54 2.79 -14.26 4.35
C SER A 54 3.21 -12.94 4.98
N SER A 55 2.84 -11.83 4.34
CA SER A 55 3.25 -10.52 4.83
C SER A 55 2.78 -10.28 6.26
N TRP A 56 1.53 -10.62 6.57
CA TRP A 56 1.02 -10.33 7.91
C TRP A 56 1.60 -11.28 8.93
N GLU A 57 1.78 -12.54 8.57
CA GLU A 57 2.44 -13.44 9.50
C GLU A 57 3.82 -12.92 9.87
N PHE A 58 4.53 -12.34 8.91
CA PHE A 58 5.83 -11.73 9.22
C PHE A 58 5.65 -10.53 10.14
N ASP A 59 4.73 -9.61 9.78
CA ASP A 59 4.54 -8.41 10.60
C ASP A 59 4.19 -8.78 12.03
N MET A 60 3.39 -9.82 12.23
CA MET A 60 3.05 -10.27 13.57
C MET A 60 4.29 -10.69 14.37
N LEU A 61 5.03 -11.69 13.87
CA LEU A 61 6.16 -12.20 14.62
C LEU A 61 7.24 -11.15 14.79
N ALA A 62 7.39 -10.26 13.81
CA ALA A 62 8.37 -9.19 13.95
C ALA A 62 7.98 -8.23 15.07
N THR A 63 6.69 -7.94 15.19
CA THR A 63 6.24 -7.07 16.27
C THR A 63 6.47 -7.72 17.62
N LEU A 64 6.14 -9.00 17.74
CA LEU A 64 6.41 -9.73 18.98
C LEU A 64 7.90 -9.79 19.26
N ARG A 65 8.69 -10.07 18.23
CA ARG A 65 10.13 -10.19 18.42
C ARG A 65 10.75 -8.88 18.86
N ARG A 66 10.35 -7.77 18.25
CA ARG A 66 11.02 -6.50 18.50
C ARG A 66 10.61 -5.89 19.84
N ALA A 67 9.53 -6.39 20.45
CA ALA A 67 9.16 -5.95 21.78
C ALA A 67 10.28 -6.23 22.78
N GLY A 68 10.72 -7.48 22.85
CA GLY A 68 11.77 -7.89 23.76
C GLY A 68 11.23 -9.02 24.59
N ALA A 69 12.13 -9.87 25.08
CA ALA A 69 11.75 -11.02 25.87
C ALA A 69 10.87 -10.58 27.05
N PRO A 70 9.84 -11.36 27.41
CA PRO A 70 9.51 -12.71 26.90
C PRO A 70 8.77 -12.67 25.59
N HIS A 71 8.83 -11.54 24.90
CA HIS A 71 8.15 -11.34 23.62
C HIS A 71 6.66 -11.55 23.78
N CYS A 72 6.08 -10.85 24.75
CA CYS A 72 4.67 -11.00 25.07
C CYS A 72 3.96 -9.66 24.89
N LEU A 73 2.99 -9.62 23.98
CA LEU A 73 2.18 -8.43 23.72
C LEU A 73 0.71 -8.79 23.77
N SER A 74 -0.13 -7.75 23.86
CA SER A 74 -1.58 -7.86 23.95
C SER A 74 -2.20 -7.74 22.57
N PRO A 75 -3.29 -8.48 22.33
CA PRO A 75 -4.04 -8.31 21.08
C PRO A 75 -4.31 -6.85 20.76
N THR A 76 -4.78 -6.08 21.74
CA THR A 76 -5.01 -4.66 21.51
C THR A 76 -3.74 -3.95 21.09
N GLU A 77 -2.63 -4.21 21.79
CA GLU A 77 -1.36 -3.62 21.39
C GLU A 77 -1.04 -3.98 19.96
N LEU A 78 -1.21 -5.27 19.62
CA LEU A 78 -0.88 -5.74 18.28
C LEU A 78 -1.69 -5.01 17.23
N PHE A 79 -3.04 -5.09 17.31
CA PHE A 79 -3.81 -4.52 16.22
C PHE A 79 -3.65 -3.00 16.17
N SER A 80 -3.41 -2.36 17.32
CA SER A 80 -3.19 -0.92 17.33
C SER A 80 -1.93 -0.58 16.57
N THR A 81 -0.88 -1.39 16.71
CA THR A 81 0.34 -1.09 15.99
C THR A 81 0.20 -1.45 14.52
N LEU A 82 -0.48 -2.56 14.22
CA LEU A 82 -0.61 -3.06 12.85
C LEU A 82 -1.88 -2.54 12.15
N MET A 83 -2.59 -1.61 12.80
CA MET A 83 -3.72 -0.87 12.24
C MET A 83 -4.75 -1.77 11.57
N VAL A 84 -5.18 -2.80 12.31
CA VAL A 84 -6.20 -3.74 11.85
C VAL A 84 -7.25 -3.88 12.95
N THR A 85 -8.47 -4.23 12.57
CA THR A 85 -9.52 -4.41 13.56
C THR A 85 -9.27 -5.66 14.40
N SER A 86 -10.04 -5.78 15.47
CA SER A 86 -9.86 -6.88 16.41
C SER A 86 -10.28 -8.21 15.79
N GLY A 87 -11.40 -8.23 15.08
CA GLY A 87 -11.79 -9.45 14.38
C GLY A 87 -10.72 -9.93 13.43
N THR A 88 -10.05 -8.99 12.75
CA THR A 88 -8.87 -9.35 11.98
C THR A 88 -7.85 -10.03 12.86
N MET A 89 -7.58 -9.42 14.03
CA MET A 89 -6.56 -9.94 14.92
C MET A 89 -6.97 -11.27 15.54
N THR A 90 -8.24 -11.41 15.93
CA THR A 90 -8.73 -12.69 16.43
C THR A 90 -8.48 -13.79 15.42
N HIS A 91 -8.88 -13.54 14.18
CA HIS A 91 -8.61 -14.51 13.12
C HIS A 91 -7.12 -14.78 13.02
N ARG A 92 -6.31 -13.72 12.88
CA ARG A 92 -4.86 -13.89 12.75
C ARG A 92 -4.30 -14.75 13.88
N LEU A 93 -4.67 -14.43 15.12
CA LEU A 93 -4.11 -15.12 16.26
C LEU A 93 -4.47 -16.60 16.23
N LYS A 94 -5.75 -16.91 15.97
CA LYS A 94 -6.16 -18.30 15.90
C LYS A 94 -5.35 -19.07 14.85
N ARG A 95 -5.02 -18.41 13.73
CA ARG A 95 -4.19 -19.08 12.73
C ARG A 95 -2.80 -19.36 13.30
N LEU A 96 -2.10 -18.30 13.72
CA LEU A 96 -0.74 -18.49 14.26
C LEU A 96 -0.72 -19.47 15.41
N GLU A 97 -1.78 -19.52 16.23
CA GLU A 97 -1.84 -20.51 17.29
C GLU A 97 -1.90 -21.91 16.72
N THR A 98 -2.65 -22.11 15.63
CA THR A 98 -2.67 -23.42 14.99
C THR A 98 -1.32 -23.76 14.37
N ARG A 99 -0.59 -22.77 13.86
CA ARG A 99 0.73 -22.98 13.31
C ARG A 99 1.84 -23.01 14.36
N GLY A 100 1.51 -23.18 15.64
CA GLY A 100 2.51 -23.29 16.69
C GLY A 100 3.58 -22.23 16.72
N PHE A 101 3.28 -21.01 16.28
CA PHE A 101 4.23 -19.90 16.35
C PHE A 101 4.04 -19.04 17.59
N ILE A 102 2.82 -18.94 18.11
CA ILE A 102 2.54 -18.14 19.28
C ILE A 102 1.80 -18.99 20.28
N GLU A 103 1.94 -18.62 21.56
CA GLU A 103 1.16 -19.20 22.65
C GLU A 103 0.27 -18.11 23.27
N ARG A 104 -0.80 -18.56 23.91
CA ARG A 104 -1.78 -17.69 24.53
C ARG A 104 -1.65 -17.81 26.05
N VAL A 105 -1.31 -16.71 26.71
CA VAL A 105 -1.18 -16.65 28.16
C VAL A 105 -2.28 -15.75 28.72
N GLN A 106 -2.91 -16.19 29.82
CA GLN A 106 -4.01 -15.44 30.41
C GLN A 106 -3.44 -14.36 31.31
N ASN A 107 -3.96 -13.14 31.16
CA ASN A 107 -3.44 -12.01 31.91
C ASN A 107 -3.84 -12.13 33.37
N GLU A 108 -2.85 -12.17 34.26
CA GLU A 108 -3.14 -12.22 35.69
C GLU A 108 -3.53 -10.87 36.25
N LEU A 109 -3.31 -9.79 35.50
CA LEU A 109 -3.64 -8.44 35.93
C LEU A 109 -4.90 -7.88 35.26
N ASP A 110 -5.49 -8.59 34.30
CA ASP A 110 -6.69 -8.10 33.60
C ASP A 110 -7.44 -9.32 33.08
N ALA A 111 -8.59 -9.62 33.69
CA ALA A 111 -9.32 -10.85 33.37
C ALA A 111 -9.94 -10.81 31.99
N ARG A 112 -10.08 -9.63 31.39
CA ARG A 112 -10.54 -9.51 30.00
C ARG A 112 -9.39 -9.54 29.02
N SER A 113 -8.28 -10.18 29.35
CA SER A 113 -7.08 -10.02 28.55
C SER A 113 -6.35 -11.35 28.45
N THR A 114 -5.99 -11.71 27.23
CA THR A 114 -5.28 -12.95 26.91
C THR A 114 -4.07 -12.55 26.08
N LEU A 115 -2.90 -12.51 26.70
CA LEU A 115 -1.70 -12.02 26.02
C LEU A 115 -1.28 -12.99 24.90
N VAL A 116 -0.36 -12.52 24.06
CA VAL A 116 0.16 -13.29 22.92
C VAL A 116 1.68 -13.32 23.01
N GLN A 117 2.26 -14.53 23.03
CA GLN A 117 3.71 -14.68 23.19
C GLN A 117 4.29 -15.66 22.18
N LEU A 118 5.55 -15.40 21.78
CA LEU A 118 6.25 -16.21 20.79
C LEU A 118 6.69 -17.55 21.37
N THR A 119 6.50 -18.60 20.59
CA THR A 119 7.02 -19.92 20.95
C THR A 119 8.47 -20.07 20.51
N SER A 120 9.14 -21.08 21.07
CA SER A 120 10.51 -21.37 20.64
C SER A 120 10.57 -21.52 19.14
N SER A 121 9.60 -22.24 18.56
CA SER A 121 9.45 -22.30 17.11
C SER A 121 9.43 -20.90 16.50
N GLY A 122 8.47 -20.08 16.92
CA GLY A 122 8.33 -18.74 16.32
C GLY A 122 9.56 -17.88 16.49
N LEU A 123 10.21 -17.96 17.66
CA LEU A 123 11.38 -17.12 17.90
C LEU A 123 12.50 -17.46 16.92
N GLU A 124 12.67 -18.75 16.61
CA GLU A 124 13.72 -19.14 15.67
C GLU A 124 13.38 -18.67 14.26
N LEU A 125 12.15 -18.95 13.80
CA LEU A 125 11.76 -18.55 12.47
C LEU A 125 12.01 -17.07 12.24
N ILE A 126 11.54 -16.23 13.17
CA ILE A 126 11.64 -14.78 13.01
C ILE A 126 13.07 -14.30 13.14
N ASN A 127 13.87 -14.96 13.98
CA ASN A 127 15.22 -14.47 14.25
C ASN A 127 16.14 -14.62 13.03
N ARG A 128 15.85 -15.57 12.14
CA ARG A 128 16.60 -15.69 10.90
C ARG A 128 15.86 -15.07 9.72
N ALA A 129 14.53 -15.08 9.75
CA ALA A 129 13.76 -14.44 8.68
C ALA A 129 14.08 -12.95 8.57
N VAL A 130 14.13 -12.24 9.70
CA VAL A 130 14.45 -10.82 9.63
C VAL A 130 15.82 -10.60 9.00
N GLU A 131 16.75 -11.54 9.18
CA GLU A 131 18.08 -11.41 8.57
C GLU A 131 17.97 -11.43 7.04
N ALA A 132 17.23 -12.41 6.52
CA ALA A 132 17.02 -12.45 5.08
C ALA A 132 16.30 -11.19 4.61
N HIS A 133 15.25 -10.80 5.34
CA HIS A 133 14.45 -9.63 5.01
C HIS A 133 15.30 -8.39 4.80
N ILE A 134 16.24 -8.13 5.71
CA ILE A 134 17.10 -6.94 5.55
C ILE A 134 17.86 -7.02 4.23
N GLU A 135 18.48 -8.16 3.95
CA GLU A 135 19.26 -8.33 2.72
C GLU A 135 18.40 -8.14 1.50
N ASN A 136 17.21 -8.77 1.49
CA ASN A 136 16.22 -8.52 0.45
C ASN A 136 16.07 -7.03 0.19
N GLU A 137 15.80 -6.26 1.24
CA GLU A 137 15.63 -4.83 1.08
C GLU A 137 16.92 -4.15 0.64
N ARG A 138 18.05 -4.56 1.22
CA ARG A 138 19.33 -3.96 0.84
C ARG A 138 19.56 -4.08 -0.65
N GLN A 139 19.31 -5.28 -1.21
CA GLN A 139 19.51 -5.48 -2.64
C GLN A 139 18.57 -4.61 -3.46
N VAL A 140 17.28 -4.63 -3.14
CA VAL A 140 16.30 -3.86 -3.90
C VAL A 140 16.74 -2.40 -3.99
N LEU A 141 17.04 -1.81 -2.84
CA LEU A 141 17.40 -0.39 -2.82
C LEU A 141 18.76 -0.12 -3.45
N SER A 142 19.57 -1.15 -3.71
CA SER A 142 20.88 -0.92 -4.28
C SER A 142 20.81 -0.34 -5.69
N VAL A 143 19.66 -0.48 -6.37
CA VAL A 143 19.51 0.13 -7.69
C VAL A 143 19.67 1.64 -7.61
N LEU A 144 19.24 2.25 -6.49
CA LEU A 144 19.32 3.69 -6.26
C LEU A 144 20.73 4.09 -5.83
N PRO A 145 21.20 5.27 -6.24
CA PRO A 145 22.45 5.80 -5.68
C PRO A 145 22.28 6.22 -4.23
N ALA A 146 23.40 6.22 -3.52
CA ALA A 146 23.41 6.57 -2.10
C ALA A 146 22.73 7.90 -1.85
N GLU A 147 23.24 8.97 -2.48
CA GLU A 147 22.63 10.29 -2.33
C GLU A 147 21.15 10.26 -2.62
N VAL A 148 20.74 9.54 -3.67
CA VAL A 148 19.32 9.49 -4.03
C VAL A 148 18.54 8.77 -2.93
N LEU A 149 19.00 7.58 -2.54
CA LEU A 149 18.37 6.88 -1.44
C LEU A 149 18.33 7.75 -0.19
N ALA A 150 19.40 8.49 0.07
CA ALA A 150 19.42 9.38 1.22
C ALA A 150 18.34 10.45 1.08
N ALA A 151 18.31 11.13 -0.05
CA ALA A 151 17.32 12.18 -0.28
C ALA A 151 15.91 11.61 -0.18
N LEU A 152 15.67 10.47 -0.81
CA LEU A 152 14.37 9.82 -0.73
C LEU A 152 13.98 9.56 0.72
N ASP A 153 14.91 9.06 1.50
CA ASP A 153 14.60 8.82 2.90
C ASP A 153 14.21 10.11 3.59
N THR A 154 15.05 11.14 3.46
CA THR A 154 14.77 12.43 4.10
C THR A 154 13.40 12.96 3.68
N ASN A 155 13.10 12.88 2.37
CA ASN A 155 11.87 13.45 1.83
C ASN A 155 10.64 12.67 2.30
N LEU A 156 10.73 11.34 2.25
CA LEU A 156 9.63 10.50 2.74
C LEU A 156 9.32 10.80 4.21
N ALA A 157 10.34 11.15 5.00
CA ALA A 157 10.14 11.43 6.41
C ALA A 157 9.29 12.68 6.62
N ALA A 158 9.63 13.76 5.90
CA ALA A 158 8.80 14.97 5.96
C ALA A 158 7.35 14.67 5.63
N LEU A 159 7.11 13.86 4.59
CA LEU A 159 5.74 13.48 4.24
C LEU A 159 5.04 12.75 5.39
N LEU A 160 5.75 11.85 6.08
CA LEU A 160 5.14 11.10 7.18
C LEU A 160 4.72 12.02 8.32
N ARG A 161 5.49 13.08 8.59
CA ARG A 161 5.12 14.01 9.65
C ARG A 161 3.73 14.60 9.42
N GLY A 162 3.53 15.22 8.25
CA GLY A 162 2.25 15.83 7.94
C GLY A 162 1.10 14.84 8.00
N LEU A 163 1.31 13.64 7.44
CA LEU A 163 0.24 12.65 7.37
C LEU A 163 -0.19 12.22 8.78
N GLU A 164 0.78 11.93 9.65
CA GLU A 164 0.46 11.44 10.99
C GLU A 164 -0.12 12.55 11.86
N SER A 165 0.36 13.79 11.69
CA SER A 165 -0.17 14.92 12.46
C SER A 165 -1.68 15.03 12.31
N HIS A 166 -2.16 15.09 11.06
CA HIS A 166 -3.57 15.13 10.77
C HIS A 166 -4.28 13.81 11.11
N LEU B 5 11.98 12.85 15.63
CA LEU B 5 12.01 11.45 15.18
C LEU B 5 10.65 11.05 14.59
N ASP B 6 10.65 10.03 13.74
CA ASP B 6 9.46 9.50 13.09
C ASP B 6 9.17 8.11 13.64
N ALA B 7 7.96 7.61 13.33
CA ALA B 7 7.57 6.28 13.80
C ALA B 7 8.50 5.19 13.27
N VAL B 8 9.07 5.39 12.08
CA VAL B 8 10.03 4.45 11.54
C VAL B 8 11.30 4.44 12.39
N ASP B 9 11.76 5.63 12.79
CA ASP B 9 12.89 5.72 13.71
C ASP B 9 12.68 4.86 14.95
N ALA B 10 11.42 4.77 15.43
CA ALA B 10 11.13 3.97 16.61
C ALA B 10 11.46 2.49 16.38
N ILE B 11 10.89 1.91 15.32
CA ILE B 11 11.11 0.48 15.07
C ILE B 11 12.60 0.20 14.85
N LEU B 12 13.31 1.11 14.17
CA LEU B 12 14.75 0.93 14.01
C LEU B 12 15.45 0.89 15.36
N GLU B 13 15.01 1.75 16.29
CA GLU B 13 15.57 1.71 17.63
C GLU B 13 15.31 0.36 18.30
N GLN B 14 14.08 -0.16 18.17
CA GLN B 14 13.78 -1.46 18.75
C GLN B 14 14.74 -2.52 18.21
N TRP B 15 14.84 -2.62 16.88
CA TRP B 15 15.76 -3.58 16.29
C TRP B 15 17.20 -3.27 16.67
N ARG B 16 17.54 -1.98 16.81
CA ARG B 16 18.89 -1.63 17.18
C ARG B 16 19.25 -2.17 18.54
N ARG B 17 18.26 -2.31 19.42
CA ARG B 17 18.51 -2.85 20.75
C ARG B 17 18.41 -4.37 20.75
N GLU B 18 17.46 -4.93 20.02
CA GLU B 18 17.22 -6.36 20.09
C GLU B 18 18.20 -7.18 19.24
N ARG B 19 18.73 -6.62 18.15
CA ARG B 19 19.65 -7.33 17.27
C ARG B 19 20.73 -6.37 16.79
N PRO B 20 21.61 -5.92 17.70
CA PRO B 20 22.66 -4.97 17.27
C PRO B 20 23.59 -5.53 16.22
N ASP B 21 23.55 -6.85 15.98
CA ASP B 21 24.36 -7.49 14.96
C ASP B 21 23.87 -7.21 13.55
N LEU B 22 22.70 -6.59 13.39
CA LEU B 22 22.17 -6.34 12.06
C LEU B 22 22.21 -4.86 11.75
N ASP B 23 22.30 -4.57 10.48
CA ASP B 23 22.23 -3.22 9.97
C ASP B 23 20.87 -3.11 9.30
N ALA B 24 19.95 -2.42 9.97
CA ALA B 24 18.57 -2.35 9.50
C ALA B 24 18.30 -1.08 8.72
N SER B 25 19.35 -0.34 8.35
CA SER B 25 19.19 0.89 7.56
C SER B 25 18.23 0.74 6.39
N PRO B 26 18.27 -0.32 5.58
CA PRO B 26 17.27 -0.44 4.52
C PRO B 26 15.84 -0.31 5.03
N MET B 27 15.54 -0.83 6.22
CA MET B 27 14.17 -0.72 6.74
C MET B 27 13.72 0.72 6.87
N GLY B 28 14.64 1.66 7.01
CA GLY B 28 14.30 3.05 7.13
C GLY B 28 13.50 3.55 5.94
N PRO B 29 14.17 3.72 4.80
CA PRO B 29 13.46 4.15 3.58
C PRO B 29 12.21 3.35 3.29
N ILE B 30 12.30 2.02 3.31
CA ILE B 30 11.17 1.20 2.93
C ILE B 30 10.03 1.30 3.95
N GLY B 31 10.38 1.37 5.24
CA GLY B 31 9.35 1.48 6.26
C GLY B 31 8.53 2.74 6.13
N ARG B 32 9.21 3.87 5.90
CA ARG B 32 8.51 5.12 5.71
C ARG B 32 7.58 5.06 4.50
N LEU B 33 8.06 4.49 3.39
CA LEU B 33 7.24 4.36 2.19
C LEU B 33 5.93 3.65 2.47
N ARG B 34 6.01 2.44 3.06
CA ARG B 34 4.81 1.66 3.30
C ARG B 34 3.84 2.41 4.22
N ARG B 35 4.35 3.01 5.29
CA ARG B 35 3.45 3.75 6.18
C ARG B 35 2.82 4.93 5.45
N CYS B 36 3.63 5.73 4.76
CA CYS B 36 3.09 6.84 3.97
C CYS B 36 1.96 6.38 3.08
N ALA B 37 2.19 5.34 2.28
CA ALA B 37 1.16 4.82 1.41
C ALA B 37 -0.07 4.43 2.20
N VAL B 38 0.12 3.74 3.33
CA VAL B 38 -1.01 3.27 4.12
C VAL B 38 -1.85 4.45 4.58
N LEU B 39 -1.21 5.46 5.16
CA LEU B 39 -1.94 6.65 5.60
C LEU B 39 -2.55 7.38 4.42
N MET B 40 -1.78 7.54 3.33
CA MET B 40 -2.29 8.25 2.16
C MET B 40 -3.58 7.64 1.67
N ASP B 41 -3.64 6.29 1.63
CA ASP B 41 -4.87 5.63 1.22
C ASP B 41 -6.03 6.04 2.11
N GLN B 42 -5.80 6.08 3.43
CA GLN B 42 -6.84 6.51 4.34
C GLN B 42 -7.37 7.91 3.96
N ARG B 43 -6.46 8.86 3.72
CA ARG B 43 -6.90 10.20 3.32
C ARG B 43 -7.76 10.13 2.06
N LEU B 44 -7.23 9.53 1.00
CA LEU B 44 -7.96 9.49 -0.26
C LEU B 44 -9.27 8.73 -0.11
N GLU B 45 -9.27 7.67 0.71
CA GLU B 45 -10.48 6.86 0.84
C GLU B 45 -11.59 7.65 1.52
N SER B 46 -11.24 8.56 2.43
CA SER B 46 -12.22 9.46 3.03
C SER B 46 -13.03 10.19 1.97
N CYS B 47 -12.34 10.89 1.06
CA CYS B 47 -13.04 11.68 0.05
C CYS B 47 -13.90 10.80 -0.85
N PHE B 48 -13.38 9.64 -1.28
CA PHE B 48 -14.15 8.75 -2.14
C PHE B 48 -15.47 8.38 -1.50
N SER B 49 -15.46 8.13 -0.18
CA SER B 49 -16.69 7.81 0.54
C SER B 49 -17.70 8.94 0.43
N ARG B 50 -17.23 10.19 0.29
CA ARG B 50 -18.17 11.28 0.12
C ARG B 50 -18.98 11.11 -1.16
N PHE B 51 -18.48 10.33 -2.12
CA PHE B 51 -19.21 10.04 -3.35
C PHE B 51 -19.88 8.68 -3.35
N ASP B 52 -19.98 8.01 -2.20
CA ASP B 52 -20.51 6.64 -2.10
C ASP B 52 -19.68 5.66 -2.93
N LEU B 53 -18.36 5.82 -2.87
CA LEU B 53 -17.46 5.04 -3.69
C LEU B 53 -16.37 4.45 -2.81
N SER B 54 -16.00 3.21 -3.11
CA SER B 54 -14.83 2.63 -2.48
C SER B 54 -13.61 2.89 -3.35
N SER B 55 -12.44 2.57 -2.80
CA SER B 55 -11.20 2.91 -3.51
C SER B 55 -11.14 2.24 -4.88
N TRP B 56 -11.55 0.97 -4.97
CA TRP B 56 -11.46 0.26 -6.24
C TRP B 56 -12.49 0.75 -7.23
N GLU B 57 -13.71 1.03 -6.76
CA GLU B 57 -14.73 1.56 -7.64
C GLU B 57 -14.26 2.83 -8.32
N PHE B 58 -13.51 3.66 -7.58
CA PHE B 58 -12.94 4.86 -8.18
C PHE B 58 -11.90 4.50 -9.24
N ASP B 59 -10.97 3.59 -8.91
CA ASP B 59 -9.91 3.22 -9.85
C ASP B 59 -10.48 2.73 -11.18
N MET B 60 -11.58 1.99 -11.13
CA MET B 60 -12.23 1.53 -12.34
C MET B 60 -12.68 2.71 -13.19
N LEU B 61 -13.55 3.55 -12.64
CA LEU B 61 -14.11 4.64 -13.42
C LEU B 61 -13.04 5.63 -13.86
N ALA B 62 -12.01 5.85 -13.05
CA ALA B 62 -10.96 6.75 -13.47
C ALA B 62 -10.22 6.17 -14.67
N THR B 63 -10.01 4.84 -14.67
CA THR B 63 -9.37 4.18 -15.81
C THR B 63 -10.24 4.26 -17.05
N LEU B 64 -11.54 4.00 -16.92
CA LEU B 64 -12.43 4.12 -18.06
C LEU B 64 -12.48 5.56 -18.54
N ARG B 65 -12.61 6.51 -17.62
CA ARG B 65 -12.72 7.90 -18.04
C ARG B 65 -11.44 8.37 -18.71
N ARG B 66 -10.28 8.03 -18.15
CA ARG B 66 -9.07 8.61 -18.73
C ARG B 66 -8.70 7.97 -20.07
N ALA B 67 -9.30 6.82 -20.40
CA ALA B 67 -9.07 6.25 -21.72
C ALA B 67 -9.50 7.23 -22.80
N GLY B 68 -10.75 7.69 -22.73
CA GLY B 68 -11.27 8.62 -23.71
C GLY B 68 -12.55 8.10 -24.31
N ALA B 69 -13.39 9.01 -24.81
CA ALA B 69 -14.64 8.58 -25.41
C ALA B 69 -14.37 7.55 -26.49
N PRO B 70 -15.20 6.50 -26.59
CA PRO B 70 -16.44 6.28 -25.84
C PRO B 70 -16.23 5.70 -24.44
N HIS B 71 -15.02 5.76 -23.91
CA HIS B 71 -14.74 5.26 -22.57
C HIS B 71 -15.04 3.76 -22.48
N CYS B 72 -14.50 3.01 -23.43
CA CYS B 72 -14.77 1.59 -23.53
C CYS B 72 -13.47 0.82 -23.47
N LEU B 73 -13.34 -0.06 -22.46
CA LEU B 73 -12.19 -0.93 -22.29
C LEU B 73 -12.64 -2.37 -22.06
N SER B 74 -11.62 -3.38 -22.23
CA SER B 74 -11.85 -4.81 -22.04
C SER B 74 -11.53 -5.20 -20.60
N PRO B 75 -12.26 -6.18 -20.06
CA PRO B 75 -11.88 -6.72 -18.74
C PRO B 75 -10.39 -6.99 -18.64
N THR B 76 -9.83 -7.59 -19.67
CA THR B 76 -8.39 -7.85 -19.71
C THR B 76 -7.59 -6.56 -19.63
N GLU B 77 -7.99 -5.53 -20.40
CA GLU B 77 -7.31 -4.24 -20.28
C GLU B 77 -7.37 -3.75 -18.84
N LEU B 78 -8.56 -3.84 -18.25
CA LEU B 78 -8.76 -3.32 -16.91
C LEU B 78 -7.84 -4.00 -15.91
N PHE B 79 -7.92 -5.34 -15.79
CA PHE B 79 -7.14 -6.00 -14.75
C PHE B 79 -5.66 -5.95 -15.06
N SER B 80 -5.29 -5.91 -16.34
CA SER B 80 -3.87 -5.80 -16.66
C SER B 80 -3.32 -4.48 -16.13
N THR B 81 -4.10 -3.40 -16.24
CA THR B 81 -3.66 -2.11 -15.73
C THR B 81 -3.80 -2.01 -14.20
N LEU B 82 -4.87 -2.58 -13.65
CA LEU B 82 -5.15 -2.48 -12.22
C LEU B 82 -4.56 -3.63 -11.42
N MET B 83 -3.75 -4.48 -12.04
CA MET B 83 -2.99 -5.55 -11.37
C MET B 83 -3.85 -6.36 -10.41
N VAL B 84 -4.96 -6.87 -10.94
CA VAL B 84 -5.85 -7.77 -10.22
C VAL B 84 -6.10 -8.97 -11.13
N THR B 85 -6.46 -10.10 -10.52
CA THR B 85 -6.78 -11.26 -11.32
C THR B 85 -8.12 -11.08 -12.01
N SER B 86 -8.40 -12.00 -12.93
CA SER B 86 -9.61 -11.93 -13.73
C SER B 86 -10.85 -12.18 -12.88
N GLY B 87 -10.81 -13.20 -12.02
CA GLY B 87 -11.94 -13.42 -11.11
C GLY B 87 -12.24 -12.20 -10.26
N THR B 88 -11.18 -11.52 -9.83
CA THR B 88 -11.33 -10.25 -9.14
C THR B 88 -12.08 -9.25 -10.01
N MET B 89 -11.68 -9.14 -11.27
CA MET B 89 -12.27 -8.18 -12.20
C MET B 89 -13.72 -8.52 -12.52
N THR B 90 -14.02 -9.80 -12.63
CA THR B 90 -15.39 -10.24 -12.83
C THR B 90 -16.29 -9.73 -11.72
N HIS B 91 -15.90 -9.99 -10.47
CA HIS B 91 -16.68 -9.53 -9.33
C HIS B 91 -16.87 -8.02 -9.37
N ARG B 92 -15.77 -7.28 -9.56
CA ARG B 92 -15.85 -5.83 -9.65
C ARG B 92 -16.87 -5.41 -10.69
N LEU B 93 -16.78 -5.99 -11.88
CA LEU B 93 -17.65 -5.58 -12.99
C LEU B 93 -19.12 -5.83 -12.69
N LYS B 94 -19.45 -7.01 -12.18
CA LYS B 94 -20.84 -7.28 -11.84
C LYS B 94 -21.40 -6.27 -10.83
N ARG B 95 -20.59 -5.85 -9.87
CA ARG B 95 -21.04 -4.85 -8.91
C ARG B 95 -21.33 -3.53 -9.61
N LEU B 96 -20.33 -2.96 -10.27
CA LEU B 96 -20.50 -1.70 -10.97
C LEU B 96 -21.64 -1.77 -11.99
N GLU B 97 -21.81 -2.94 -12.62
CA GLU B 97 -22.91 -3.08 -13.58
C GLU B 97 -24.25 -2.94 -12.88
N THR B 98 -24.39 -3.50 -11.68
CA THR B 98 -25.63 -3.34 -10.94
C THR B 98 -25.81 -1.92 -10.44
N ARG B 99 -24.72 -1.21 -10.13
CA ARG B 99 -24.81 0.18 -9.72
C ARG B 99 -24.96 1.12 -10.92
N GLY B 100 -25.33 0.58 -12.08
CA GLY B 100 -25.56 1.33 -13.30
C GLY B 100 -24.45 2.28 -13.69
N PHE B 101 -23.22 1.97 -13.30
CA PHE B 101 -22.10 2.83 -13.66
C PHE B 101 -21.43 2.41 -14.96
N ILE B 102 -21.49 1.12 -15.29
CA ILE B 102 -20.91 0.61 -16.53
C ILE B 102 -21.96 -0.23 -17.24
N GLU B 103 -21.87 -0.28 -18.56
CA GLU B 103 -22.68 -1.19 -19.36
C GLU B 103 -21.77 -2.21 -20.02
N ARG B 104 -22.35 -3.34 -20.41
CA ARG B 104 -21.61 -4.42 -21.03
C ARG B 104 -21.98 -4.48 -22.51
N VAL B 105 -20.99 -4.24 -23.38
CA VAL B 105 -21.18 -4.29 -24.83
C VAL B 105 -20.39 -5.48 -25.39
N GLN B 106 -20.98 -6.20 -26.34
CA GLN B 106 -20.36 -7.41 -26.86
C GLN B 106 -19.36 -7.07 -27.95
N ASN B 107 -18.18 -7.65 -27.86
CA ASN B 107 -17.14 -7.33 -28.82
C ASN B 107 -17.50 -7.93 -30.18
N GLU B 108 -17.64 -7.07 -31.17
CA GLU B 108 -17.95 -7.52 -32.53
C GLU B 108 -16.74 -8.10 -33.24
N LEU B 109 -15.54 -7.92 -32.68
CA LEU B 109 -14.32 -8.45 -33.28
C LEU B 109 -13.78 -9.68 -32.58
N ASP B 110 -14.33 -10.06 -31.42
CA ASP B 110 -13.84 -11.24 -30.72
C ASP B 110 -14.95 -11.78 -29.83
N ALA B 111 -15.49 -12.95 -30.19
CA ALA B 111 -16.68 -13.46 -29.52
C ALA B 111 -16.42 -13.90 -28.09
N ARG B 112 -15.18 -14.14 -27.70
CA ARG B 112 -14.88 -14.45 -26.31
C ARG B 112 -14.61 -13.20 -25.48
N SER B 113 -15.19 -12.07 -25.87
CA SER B 113 -14.84 -10.80 -25.26
C SER B 113 -16.10 -9.96 -25.09
N THR B 114 -16.28 -9.45 -23.87
CA THR B 114 -17.46 -8.68 -23.50
C THR B 114 -16.97 -7.38 -22.86
N LEU B 115 -17.04 -6.29 -23.63
CA LEU B 115 -16.44 -5.02 -23.24
C LEU B 115 -17.20 -4.38 -22.05
N VAL B 116 -16.53 -3.39 -21.45
CA VAL B 116 -17.05 -2.62 -20.33
C VAL B 116 -17.01 -1.15 -20.71
N GLN B 117 -18.14 -0.47 -20.59
CA GLN B 117 -18.25 0.93 -21.00
C GLN B 117 -18.96 1.76 -19.93
N LEU B 118 -18.58 3.03 -19.85
CA LEU B 118 -19.18 3.92 -18.86
C LEU B 118 -20.60 4.28 -19.24
N THR B 119 -21.50 4.27 -18.26
CA THR B 119 -22.84 4.78 -18.44
C THR B 119 -22.84 6.29 -18.20
N SER B 120 -23.90 6.95 -18.71
CA SER B 120 -24.04 8.38 -18.45
C SER B 120 -23.98 8.66 -16.96
N SER B 121 -24.69 7.84 -16.17
CA SER B 121 -24.58 7.92 -14.72
C SER B 121 -23.11 7.90 -14.29
N GLY B 122 -22.38 6.85 -14.65
CA GLY B 122 -21.00 6.73 -14.22
C GLY B 122 -20.12 7.86 -14.71
N LEU B 123 -20.36 8.32 -15.94
CA LEU B 123 -19.53 9.38 -16.51
C LEU B 123 -19.64 10.67 -15.71
N GLU B 124 -20.85 10.99 -15.22
CA GLU B 124 -21.01 12.18 -14.39
C GLU B 124 -20.30 12.02 -13.05
N LEU B 125 -20.52 10.88 -12.39
CA LEU B 125 -19.92 10.65 -11.09
C LEU B 125 -18.41 10.81 -11.12
N ILE B 126 -17.76 10.15 -12.07
CA ILE B 126 -16.31 10.17 -12.10
C ILE B 126 -15.81 11.54 -12.50
N ASN B 127 -16.57 12.25 -13.33
CA ASN B 127 -16.11 13.54 -13.83
C ASN B 127 -16.04 14.60 -12.73
N ARG B 128 -16.83 14.45 -11.66
CA ARG B 128 -16.68 15.35 -10.53
C ARG B 128 -15.87 14.72 -9.41
N ALA B 129 -15.91 13.40 -9.29
CA ALA B 129 -15.04 12.72 -8.34
C ALA B 129 -13.57 12.99 -8.65
N VAL B 130 -13.20 12.96 -9.93
CA VAL B 130 -11.81 13.27 -10.27
C VAL B 130 -11.46 14.69 -9.81
N GLU B 131 -12.43 15.61 -9.85
CA GLU B 131 -12.20 16.99 -9.41
C GLU B 131 -11.93 17.06 -7.92
N ALA B 132 -12.75 16.37 -7.11
CA ALA B 132 -12.52 16.35 -5.68
C ALA B 132 -11.21 15.63 -5.34
N HIS B 133 -10.99 14.47 -5.95
CA HIS B 133 -9.78 13.70 -5.72
C HIS B 133 -8.53 14.54 -5.87
N ILE B 134 -8.46 15.30 -6.97
CA ILE B 134 -7.26 16.09 -7.23
C ILE B 134 -7.01 17.06 -6.08
N GLU B 135 -8.06 17.79 -5.68
CA GLU B 135 -7.89 18.78 -4.63
C GLU B 135 -7.52 18.14 -3.31
N ASN B 136 -8.18 17.02 -2.95
CA ASN B 136 -7.77 16.22 -1.80
C ASN B 136 -6.26 16.01 -1.78
N GLU B 137 -5.70 15.52 -2.88
CA GLU B 137 -4.25 15.32 -2.95
C GLU B 137 -3.50 16.64 -2.84
N ARG B 138 -3.98 17.68 -3.53
CA ARG B 138 -3.33 18.99 -3.45
C ARG B 138 -3.25 19.46 -2.01
N GLN B 139 -4.33 19.28 -1.24
CA GLN B 139 -4.32 19.68 0.16
C GLN B 139 -3.24 18.92 0.93
N VAL B 140 -3.21 17.60 0.75
CA VAL B 140 -2.26 16.76 1.47
C VAL B 140 -0.84 17.24 1.22
N LEU B 141 -0.44 17.37 -0.04
CA LEU B 141 0.94 17.71 -0.33
C LEU B 141 1.29 19.14 0.00
N SER B 142 0.30 20.00 0.25
CA SER B 142 0.56 21.40 0.56
C SER B 142 1.35 21.58 1.85
N VAL B 143 1.35 20.58 2.73
CA VAL B 143 2.17 20.62 3.93
C VAL B 143 3.66 20.68 3.58
N LEU B 144 4.04 20.07 2.46
CA LEU B 144 5.44 20.04 2.05
C LEU B 144 5.85 21.38 1.47
N PRO B 145 7.08 21.82 1.73
CA PRO B 145 7.61 22.98 1.00
C PRO B 145 7.88 22.61 -0.45
N ALA B 146 7.90 23.65 -1.29
CA ALA B 146 8.07 23.47 -2.74
C ALA B 146 9.26 22.59 -3.05
N GLU B 147 10.45 22.99 -2.60
CA GLU B 147 11.65 22.19 -2.80
C GLU B 147 11.45 20.74 -2.36
N VAL B 148 10.76 20.54 -1.23
CA VAL B 148 10.54 19.18 -0.72
C VAL B 148 9.65 18.38 -1.67
N LEU B 149 8.49 18.92 -2.02
CA LEU B 149 7.64 18.22 -2.98
C LEU B 149 8.38 17.97 -4.29
N ALA B 150 9.19 18.94 -4.73
CA ALA B 150 9.97 18.75 -5.94
C ALA B 150 10.93 17.57 -5.80
N ALA B 151 11.70 17.54 -4.72
CA ALA B 151 12.65 16.45 -4.51
C ALA B 151 11.94 15.11 -4.43
N LEU B 152 10.84 15.04 -3.69
CA LEU B 152 10.11 13.78 -3.55
C LEU B 152 9.68 13.23 -4.91
N ASP B 153 9.09 14.07 -5.76
CA ASP B 153 8.65 13.62 -7.08
C ASP B 153 9.82 13.04 -7.87
N THR B 154 10.91 13.80 -7.96
CA THR B 154 12.09 13.33 -8.66
C THR B 154 12.57 12.00 -8.11
N ASN B 155 12.68 11.89 -6.78
CA ASN B 155 13.27 10.71 -6.18
C ASN B 155 12.36 9.49 -6.33
N LEU B 156 11.07 9.63 -6.02
CA LEU B 156 10.16 8.49 -6.15
C LEU B 156 10.16 7.93 -7.56
N ALA B 157 10.32 8.79 -8.57
CA ALA B 157 10.33 8.32 -9.95
C ALA B 157 11.52 7.40 -10.19
N ALA B 158 12.70 7.82 -9.73
CA ALA B 158 13.86 6.94 -9.81
C ALA B 158 13.58 5.61 -9.13
N LEU B 159 12.97 5.65 -7.95
CA LEU B 159 12.61 4.40 -7.29
C LEU B 159 11.67 3.58 -8.16
N LEU B 160 10.67 4.23 -8.76
CA LEU B 160 9.76 3.51 -9.64
C LEU B 160 10.50 2.96 -10.85
N ARG B 161 11.44 3.74 -11.38
CA ARG B 161 12.24 3.27 -12.50
C ARG B 161 12.93 1.94 -12.14
N GLY B 162 13.68 1.93 -11.04
CA GLY B 162 14.37 0.72 -10.63
C GLY B 162 13.42 -0.44 -10.43
N LEU B 163 12.31 -0.21 -9.74
CA LEU B 163 11.37 -1.29 -9.45
C LEU B 163 10.74 -1.85 -10.73
N GLU B 164 10.30 -0.97 -11.63
CA GLU B 164 9.63 -1.45 -12.83
C GLU B 164 10.59 -2.20 -13.73
N SER B 165 11.86 -1.80 -13.75
CA SER B 165 12.88 -2.51 -14.52
C SER B 165 12.91 -3.98 -14.15
N HIS B 166 13.08 -4.28 -12.87
CA HIS B 166 13.08 -5.67 -12.40
C HIS B 166 11.69 -6.30 -12.48
#